data_8J7R
#
_entry.id   8J7R
#
_cell.length_a   1.00
_cell.length_b   1.00
_cell.length_c   1.00
_cell.angle_alpha   90.00
_cell.angle_beta   90.00
_cell.angle_gamma   90.00
#
_symmetry.space_group_name_H-M   'P 1'
#
loop_
_entity.id
_entity.type
_entity.pdbx_description
1 polymer 'Eukaryotic translation initiation factor 4 gamma 1'
2 polymer 'IRES RNA (J-K-St)'
3 non-polymer 'MAGNESIUM ION'
4 water water
#
loop_
_entity_poly.entity_id
_entity_poly.type
_entity_poly.pdbx_seq_one_letter_code
_entity_poly.pdbx_strand_id
1 'polypeptide(L)'
;MNHKVHHHHHHIEGRHMELGTLEDRGEEDADGSKTQDLFRRVRSILNKLTPQMFQQLMKQVTQLAIDTEERLKGVIDLIF
EKAISEPNFSVAYANMCRCLMALKVPTTEKPTVTVNFRKLLLNRCQKEFEKDKDDDEVFEKKQKEMDEAATAEERGRLKE
ELEEARDIARRRSLGNIKFIGELFKLKMLTEAIMHDCVVKLLKNHDEESLECLCRLLTTIGKDLDFEKAKPRMDQYFNQM
EKIIKEKKTSSRIRFMLQDVLDLRGSNWVP
;
B
2 'polyribonucleotide'
;GGGGCUGAAGGAUGCCCAGAAGGUACCCCAUUGUAUGGGAUCUGAUCUGGGGCCUCGGUGCACAUGCUUUACAUGUGUUU
AGUCGAGGUUAAAAAACGUCUAGGCCCC
;
C
#
loop_
_chem_comp.id
_chem_comp.type
_chem_comp.name
_chem_comp.formula
A RNA linking ADENOSINE-5'-MONOPHOSPHATE 'C10 H14 N5 O7 P'
C RNA linking CYTIDINE-5'-MONOPHOSPHATE 'C9 H14 N3 O8 P'
G RNA linking GUANOSINE-5'-MONOPHOSPHATE 'C10 H14 N5 O8 P'
MG non-polymer 'MAGNESIUM ION' 'Mg 2'
U RNA linking URIDINE-5'-MONOPHOSPHATE 'C9 H13 N2 O9 P'
#
# COMPACT_ATOMS: atom_id res chain seq x y z
N GLY A 32 -12.67 9.59 28.48
CA GLY A 32 -11.60 9.69 27.48
C GLY A 32 -10.85 8.37 27.35
N SER A 33 -10.84 7.59 28.42
CA SER A 33 -10.18 6.26 28.39
C SER A 33 -10.90 5.35 27.39
N LYS A 34 -12.12 5.68 26.97
CA LYS A 34 -12.85 4.72 26.09
C LYS A 34 -12.16 4.63 24.72
N THR A 35 -11.75 5.77 24.19
CA THR A 35 -11.05 5.78 22.88
C THR A 35 -9.75 4.99 22.99
N GLN A 36 -9.01 5.19 24.08
CA GLN A 36 -7.71 4.49 24.21
C GLN A 36 -7.96 2.99 24.40
N ASP A 37 -9.01 2.62 25.13
CA ASP A 37 -9.32 1.19 25.29
C ASP A 37 -9.70 0.58 23.95
N LEU A 38 -10.44 1.32 23.14
CA LEU A 38 -10.79 0.81 21.79
C LEU A 38 -9.51 0.62 20.97
N PHE A 39 -8.60 1.57 21.07
CA PHE A 39 -7.33 1.41 20.33
C PHE A 39 -6.57 0.18 20.83
N ARG A 40 -6.56 -0.04 22.14
CA ARG A 40 -5.85 -1.21 22.69
C ARG A 40 -6.46 -2.48 22.10
N ARG A 41 -7.79 -2.55 22.09
CA ARG A 41 -8.41 -3.81 21.63
C ARG A 41 -8.18 -3.99 20.14
N VAL A 42 -8.25 -2.90 19.38
CA VAL A 42 -8.05 -3.00 17.92
C VAL A 42 -6.62 -3.47 17.63
N ARG A 43 -5.65 -2.93 18.37
CA ARG A 43 -4.25 -3.32 18.13
C ARG A 43 -4.05 -4.78 18.53
N SER A 44 -4.69 -5.20 19.61
CA SER A 44 -4.60 -6.63 20.00
C SER A 44 -5.14 -7.51 18.88
N ILE A 45 -6.28 -7.12 18.32
CA ILE A 45 -6.89 -7.94 17.26
C ILE A 45 -5.97 -7.97 16.04
N LEU A 46 -5.39 -6.82 15.70
CA LEU A 46 -4.51 -6.78 14.52
C LEU A 46 -3.29 -7.67 14.73
N ASN A 47 -2.73 -7.65 15.94
CA ASN A 47 -1.56 -8.51 16.23
C ASN A 47 -1.95 -9.98 16.14
N LYS A 48 -3.11 -10.33 16.65
CA LYS A 48 -3.51 -11.74 16.64
C LYS A 48 -4.00 -12.13 15.24
N LEU A 49 -4.41 -11.16 14.43
CA LEU A 49 -5.04 -11.48 13.13
C LEU A 49 -4.14 -12.34 12.26
N THR A 50 -4.69 -13.45 11.78
CA THR A 50 -3.95 -14.33 10.85
C THR A 50 -4.96 -14.87 9.84
N PRO A 51 -4.54 -15.18 8.60
CA PRO A 51 -5.46 -15.72 7.62
C PRO A 51 -6.30 -16.91 8.07
N GLN A 52 -5.71 -17.87 8.75
CA GLN A 52 -6.46 -19.11 9.07
C GLN A 52 -7.53 -18.83 10.11
N MET A 53 -7.16 -18.16 11.18
CA MET A 53 -8.11 -17.98 12.31
C MET A 53 -8.99 -16.76 12.05
N PHE A 54 -9.13 -16.37 10.78
CA PHE A 54 -9.82 -15.09 10.47
C PHE A 54 -11.20 -15.00 11.11
N GLN A 55 -12.09 -15.91 10.73
CA GLN A 55 -13.51 -15.76 11.12
C GLN A 55 -13.68 -15.60 12.62
N GLN A 56 -12.93 -16.35 13.41
CA GLN A 56 -13.18 -16.35 14.88
C GLN A 56 -12.95 -14.95 15.45
N LEU A 57 -12.06 -14.16 14.85
CA LEU A 57 -11.79 -12.84 15.47
C LEU A 57 -12.78 -11.80 14.94
N MET A 58 -13.45 -12.11 13.84
CA MET A 58 -14.28 -11.05 13.20
C MET A 58 -15.45 -10.66 14.09
N LYS A 59 -16.01 -11.59 14.86
CA LYS A 59 -17.07 -11.19 15.81
C LYS A 59 -16.53 -10.08 16.70
N GLN A 60 -15.31 -10.27 17.21
CA GLN A 60 -14.70 -9.26 18.08
C GLN A 60 -14.64 -7.91 17.36
N VAL A 61 -14.39 -7.94 16.06
CA VAL A 61 -14.29 -6.66 15.31
C VAL A 61 -15.66 -5.99 15.24
N THR A 62 -16.71 -6.78 15.02
CA THR A 62 -18.04 -6.17 14.87
C THR A 62 -18.58 -5.72 16.23
N GLN A 63 -17.96 -6.16 17.31
CA GLN A 63 -18.49 -5.81 18.65
C GLN A 63 -17.74 -4.60 19.22
N LEU A 64 -17.02 -3.87 18.38
CA LEU A 64 -16.25 -2.69 18.85
C LEU A 64 -17.09 -1.43 18.69
N ALA A 65 -17.22 -0.65 19.75
CA ALA A 65 -18.09 0.54 19.70
C ALA A 65 -17.37 1.71 19.05
N ILE A 66 -17.42 1.76 17.72
CA ILE A 66 -16.77 2.87 16.99
C ILE A 66 -17.86 3.86 16.62
N ASP A 67 -17.94 4.97 17.35
CA ASP A 67 -19.07 5.90 17.13
C ASP A 67 -18.63 7.37 17.12
N THR A 68 -17.34 7.62 16.97
CA THR A 68 -16.84 9.01 16.98
C THR A 68 -15.77 9.15 15.91
N GLU A 69 -15.75 10.25 15.20
CA GLU A 69 -14.80 10.40 14.08
C GLU A 69 -13.37 10.19 14.55
N GLU A 70 -13.07 10.57 15.79
CA GLU A 70 -11.69 10.40 16.31
C GLU A 70 -11.39 8.91 16.46
N ARG A 71 -12.33 8.15 17.01
CA ARG A 71 -12.12 6.70 17.16
C ARG A 71 -11.99 6.05 15.77
N LEU A 72 -12.81 6.47 14.82
CA LEU A 72 -12.75 5.84 13.48
C LEU A 72 -11.41 6.17 12.83
N LYS A 73 -10.98 7.43 12.92
CA LYS A 73 -9.72 7.81 12.27
C LYS A 73 -8.57 7.03 12.91
N GLY A 74 -8.62 6.85 14.23
CA GLY A 74 -7.53 6.15 14.91
C GLY A 74 -7.51 4.68 14.54
N VAL A 75 -8.68 4.05 14.47
CA VAL A 75 -8.73 2.63 14.07
C VAL A 75 -8.24 2.47 12.63
N ILE A 76 -8.63 3.40 11.75
CA ILE A 76 -8.15 3.32 10.36
C ILE A 76 -6.65 3.56 10.30
N ASP A 77 -6.14 4.46 11.14
CA ASP A 77 -4.68 4.68 11.18
C ASP A 77 -3.97 3.39 11.58
N LEU A 78 -4.47 2.73 12.63
CA LEU A 78 -3.82 1.48 13.08
C LEU A 78 -3.87 0.44 11.96
N ILE A 79 -5.02 0.27 11.34
CA ILE A 79 -5.13 -0.80 10.32
C ILE A 79 -4.21 -0.48 9.16
N PHE A 80 -4.20 0.76 8.70
CA PHE A 80 -3.38 1.10 7.52
C PHE A 80 -1.89 0.93 7.85
N GLU A 81 -1.48 1.38 9.03
CA GLU A 81 -0.05 1.30 9.37
C GLU A 81 0.37 -0.17 9.43
N LYS A 82 -0.42 -1.00 10.07
CA LYS A 82 -0.07 -2.42 10.16
C LYS A 82 -0.08 -3.04 8.78
N ALA A 83 -1.04 -2.68 7.93
CA ALA A 83 -1.17 -3.36 6.63
C ALA A 83 -0.05 -2.93 5.68
N ILE A 84 0.47 -1.72 5.81
CA ILE A 84 1.52 -1.34 4.82
C ILE A 84 2.90 -1.61 5.42
N SER A 85 2.99 -1.77 6.72
CA SER A 85 4.30 -2.09 7.33
C SER A 85 4.55 -3.60 7.36
N GLU A 86 3.54 -4.42 7.08
CA GLU A 86 3.72 -5.89 7.14
C GLU A 86 2.92 -6.51 6.00
N PRO A 87 3.44 -6.54 4.78
CA PRO A 87 2.65 -7.02 3.63
C PRO A 87 2.18 -8.47 3.72
N ASN A 88 2.94 -9.33 4.39
CA ASN A 88 2.61 -10.77 4.35
C ASN A 88 1.19 -11.03 4.83
N PHE A 89 0.81 -10.44 5.95
CA PHE A 89 -0.53 -10.72 6.50
C PHE A 89 -1.54 -9.71 5.98
N SER A 90 -1.13 -8.83 5.08
CA SER A 90 -2.04 -7.76 4.58
C SER A 90 -3.37 -8.36 4.09
N VAL A 91 -3.30 -9.54 3.49
CA VAL A 91 -4.54 -10.21 3.01
C VAL A 91 -5.58 -10.19 4.13
N ALA A 92 -5.21 -10.71 5.28
CA ALA A 92 -6.15 -10.79 6.41
C ALA A 92 -6.67 -9.38 6.71
N TYR A 93 -5.76 -8.43 6.84
CA TYR A 93 -6.19 -7.06 7.18
C TYR A 93 -7.16 -6.55 6.12
N ALA A 94 -6.86 -6.82 4.85
CA ALA A 94 -7.77 -6.39 3.78
C ALA A 94 -9.16 -6.95 4.06
N ASN A 95 -9.25 -8.26 4.32
CA ASN A 95 -10.56 -8.87 4.59
C ASN A 95 -11.17 -8.25 5.85
N MET A 96 -10.33 -7.92 6.82
CA MET A 96 -10.85 -7.26 8.02
C MET A 96 -11.51 -5.93 7.64
N CYS A 97 -10.89 -5.19 6.72
CA CYS A 97 -11.49 -3.91 6.28
C CYS A 97 -12.86 -4.18 5.65
N ARG A 98 -13.00 -5.29 4.95
CA ARG A 98 -14.31 -5.60 4.32
C ARG A 98 -15.39 -5.73 5.40
N CYS A 99 -15.03 -6.18 6.59
CA CYS A 99 -16.05 -6.35 7.64
C CYS A 99 -16.51 -4.98 8.15
N LEU A 100 -15.71 -3.94 7.94
CA LEU A 100 -16.14 -2.58 8.36
C LEU A 100 -16.28 -1.67 7.14
N MET A 101 -16.72 -2.20 6.01
CA MET A 101 -16.89 -1.33 4.83
C MET A 101 -18.05 -0.37 5.09
N ALA A 102 -18.95 -0.72 6.00
CA ALA A 102 -20.15 0.12 6.23
C ALA A 102 -20.22 0.47 7.71
N LEU A 103 -19.45 1.46 8.13
CA LEU A 103 -19.45 1.89 9.54
C LEU A 103 -19.51 3.41 9.55
N LYS A 104 -20.71 3.96 9.42
CA LYS A 104 -20.92 5.41 9.40
C LYS A 104 -20.66 6.01 10.77
N VAL A 105 -20.18 7.25 10.81
CA VAL A 105 -19.88 7.95 12.08
C VAL A 105 -20.13 9.44 11.80
N PRO A 106 -20.68 10.22 12.76
CA PRO A 106 -20.86 11.67 12.55
C PRO A 106 -19.61 12.55 12.73
N THR A 107 -19.33 13.42 11.76
CA THR A 107 -18.09 14.22 11.86
C THR A 107 -18.19 15.14 13.06
N THR A 108 -17.13 15.27 13.85
CA THR A 108 -17.24 16.07 15.10
C THR A 108 -17.48 17.53 14.78
N GLU A 109 -16.88 18.02 13.69
CA GLU A 109 -17.01 19.46 13.35
C GLU A 109 -18.47 19.80 13.09
N LYS A 110 -19.08 19.16 12.09
CA LYS A 110 -20.52 19.36 11.83
C LYS A 110 -21.22 18.05 12.13
N PRO A 111 -21.89 17.91 13.29
CA PRO A 111 -22.43 16.60 13.69
C PRO A 111 -23.62 16.15 12.87
N THR A 112 -23.96 16.90 11.82
CA THR A 112 -25.05 16.48 10.92
C THR A 112 -24.49 15.81 9.66
N VAL A 113 -23.18 15.60 9.60
CA VAL A 113 -22.54 14.98 8.41
C VAL A 113 -22.06 13.59 8.83
N THR A 114 -21.81 12.68 7.89
CA THR A 114 -21.28 11.36 8.28
C THR A 114 -20.08 10.99 7.42
N VAL A 115 -19.17 10.17 7.94
CA VAL A 115 -18.02 9.69 7.14
C VAL A 115 -18.04 8.16 7.17
N ASN A 116 -18.12 7.53 6.00
CA ASN A 116 -18.07 6.04 5.97
C ASN A 116 -16.63 5.59 6.17
N PHE A 117 -16.42 4.42 6.74
CA PHE A 117 -15.06 3.88 6.94
C PHE A 117 -14.35 3.81 5.60
N ARG A 118 -15.03 3.36 4.56
CA ARG A 118 -14.37 3.20 3.25
C ARG A 118 -13.81 4.53 2.81
N LYS A 119 -14.55 5.62 2.98
CA LYS A 119 -14.02 6.88 2.44
C LYS A 119 -12.74 7.21 3.16
N LEU A 120 -12.69 6.99 4.47
CA LEU A 120 -11.47 7.36 5.23
C LEU A 120 -10.30 6.43 4.91
N LEU A 121 -10.55 5.12 4.81
CA LEU A 121 -9.45 4.14 4.56
C LEU A 121 -8.88 4.36 3.16
N LEU A 122 -9.74 4.60 2.18
CA LEU A 122 -9.22 4.86 0.83
C LEU A 122 -8.43 6.17 0.79
N ASN A 123 -8.87 7.20 1.52
CA ASN A 123 -8.14 8.48 1.44
C ASN A 123 -6.71 8.24 1.96
N ARG A 124 -6.58 7.48 3.03
CA ARG A 124 -5.22 7.16 3.54
C ARG A 124 -4.46 6.44 2.43
N CYS A 125 -5.10 5.52 1.73
CA CYS A 125 -4.38 4.73 0.71
C CYS A 125 -3.95 5.64 -0.44
N GLN A 126 -4.84 6.49 -0.90
CA GLN A 126 -4.48 7.35 -2.05
C GLN A 126 -3.43 8.37 -1.64
N LYS A 127 -3.54 8.92 -0.43
CA LYS A 127 -2.51 9.87 0.03
C LYS A 127 -1.15 9.18 0.10
N GLU A 128 -1.11 7.94 0.55
CA GLU A 128 0.18 7.22 0.61
C GLU A 128 0.67 6.94 -0.80
N PHE A 129 -0.24 6.75 -1.74
CA PHE A 129 0.19 6.33 -3.09
C PHE A 129 0.88 7.46 -3.84
N GLU A 130 0.48 8.71 -3.58
CA GLU A 130 1.06 9.85 -4.36
C GLU A 130 2.06 10.66 -3.54
N LYS A 131 2.65 10.09 -2.49
CA LYS A 131 3.66 10.85 -1.72
C LYS A 131 4.96 10.93 -2.51
N ASP A 132 5.13 10.09 -3.52
CA ASP A 132 6.41 10.05 -4.26
C ASP A 132 6.74 11.43 -4.81
N LYS A 133 5.71 12.14 -5.28
CA LYS A 133 5.95 13.47 -5.87
C LYS A 133 6.68 14.35 -4.87
N ASP A 134 6.38 14.19 -3.59
CA ASP A 134 7.07 14.99 -2.56
C ASP A 134 8.18 14.19 -1.89
N ASP A 135 8.19 12.87 -2.07
CA ASP A 135 9.14 12.03 -1.30
C ASP A 135 10.59 12.46 -1.52
N ASP A 136 11.02 12.46 -2.78
CA ASP A 136 12.41 12.87 -3.08
C ASP A 136 12.70 14.21 -2.41
N GLU A 137 11.71 15.10 -2.38
CA GLU A 137 11.92 16.45 -1.82
C GLU A 137 12.52 16.35 -0.41
N VAL A 138 11.93 15.52 0.44
CA VAL A 138 12.43 15.47 1.83
C VAL A 138 13.85 14.90 1.80
N PHE A 139 14.10 13.91 0.95
CA PHE A 139 15.48 13.40 0.83
C PHE A 139 16.38 14.54 0.35
N GLU A 140 15.90 15.34 -0.61
CA GLU A 140 16.68 16.51 -1.06
C GLU A 140 16.94 17.44 0.14
N LYS A 141 15.92 17.61 0.98
CA LYS A 141 16.09 18.49 2.16
C LYS A 141 17.19 17.93 3.06
N LYS A 142 17.45 16.63 2.97
CA LYS A 142 18.52 16.02 3.77
C LYS A 142 19.77 15.83 2.90
N GLN A 143 19.62 15.89 1.58
CA GLN A 143 20.77 15.64 0.67
C GLN A 143 21.87 16.68 0.91
N LYS A 144 21.50 17.92 1.16
CA LYS A 144 22.53 18.94 1.47
C LYS A 144 23.37 18.50 2.67
N GLU A 145 22.75 17.87 3.65
CA GLU A 145 23.49 17.44 4.86
C GLU A 145 24.60 16.45 4.48
N MET A 146 24.39 15.68 3.41
CA MET A 146 25.45 14.76 2.95
C MET A 146 26.73 15.56 2.65
N ASP A 147 26.57 16.74 2.08
CA ASP A 147 27.75 17.59 1.80
C ASP A 147 28.26 18.22 3.09
N GLU A 148 27.36 18.48 4.04
CA GLU A 148 27.76 19.22 5.26
C GLU A 148 28.44 18.28 6.27
N ALA A 149 28.27 16.97 6.13
CA ALA A 149 28.98 16.01 7.02
C ALA A 149 30.43 15.92 6.52
N ALA A 150 31.30 16.77 7.06
CA ALA A 150 32.69 16.86 6.54
C ALA A 150 33.49 15.58 6.79
N THR A 151 33.63 15.20 8.06
CA THR A 151 34.53 14.06 8.37
C THR A 151 33.95 12.74 7.87
N ALA A 152 34.82 11.74 7.79
CA ALA A 152 34.40 10.42 7.27
C ALA A 152 33.35 9.79 8.19
N GLU A 153 33.51 9.94 9.50
CA GLU A 153 32.53 9.36 10.44
C GLU A 153 31.17 10.02 10.22
N GLU A 154 31.16 11.34 10.13
CA GLU A 154 29.87 12.05 9.95
C GLU A 154 29.31 11.71 8.57
N ARG A 155 30.18 11.64 7.56
CA ARG A 155 29.69 11.35 6.18
C ARG A 155 29.07 9.95 6.16
N GLY A 156 29.74 8.98 6.78
CA GLY A 156 29.20 7.62 6.80
C GLY A 156 27.91 7.54 7.59
N ARG A 157 27.85 8.21 8.73
CA ARG A 157 26.62 8.14 9.55
C ARG A 157 25.46 8.77 8.78
N LEU A 158 25.73 9.91 8.13
CA LEU A 158 24.68 10.59 7.35
C LEU A 158 24.24 9.68 6.19
N LYS A 159 25.20 9.05 5.52
CA LYS A 159 24.85 8.18 4.37
C LYS A 159 24.02 7.00 4.86
N GLU A 160 24.39 6.44 6.01
CA GLU A 160 23.63 5.28 6.52
C GLU A 160 22.20 5.72 6.85
N GLU A 161 22.06 6.88 7.49
CA GLU A 161 20.70 7.36 7.84
C GLU A 161 19.89 7.63 6.57
N LEU A 162 20.50 8.19 5.55
CA LEU A 162 19.68 8.52 4.37
C LEU A 162 19.31 7.21 3.67
N GLU A 163 20.24 6.27 3.50
CA GLU A 163 19.81 5.01 2.84
C GLU A 163 18.81 4.26 3.74
N GLU A 164 18.96 4.33 5.07
CA GLU A 164 17.97 3.67 5.97
C GLU A 164 16.60 4.30 5.73
N ALA A 165 16.56 5.63 5.58
CA ALA A 165 15.27 6.30 5.32
C ALA A 165 14.74 5.84 3.97
N ARG A 166 15.63 5.70 2.98
CA ARG A 166 15.18 5.28 1.64
C ARG A 166 14.58 3.88 1.75
N ASP A 167 15.20 3.00 2.54
CA ASP A 167 14.64 1.65 2.76
C ASP A 167 13.27 1.77 3.41
N ILE A 168 13.15 2.60 4.44
CA ILE A 168 11.87 2.69 5.18
C ILE A 168 10.77 3.12 4.20
N ALA A 169 11.09 4.06 3.32
CA ALA A 169 10.09 4.54 2.36
C ALA A 169 9.77 3.45 1.33
N ARG A 170 10.78 2.78 0.80
CA ARG A 170 10.47 1.81 -0.27
C ARG A 170 9.68 0.66 0.36
N ARG A 171 9.96 0.33 1.61
CA ARG A 171 9.16 -0.75 2.26
C ARG A 171 7.71 -0.27 2.41
N ARG A 172 7.50 0.98 2.80
CA ARG A 172 6.11 1.51 2.89
C ARG A 172 5.45 1.44 1.52
N SER A 173 6.03 2.03 0.49
CA SER A 173 5.32 2.06 -0.82
C SER A 173 4.91 0.65 -1.24
N LEU A 174 5.78 -0.32 -1.03
CA LEU A 174 5.46 -1.70 -1.45
C LEU A 174 4.28 -2.22 -0.63
N GLY A 175 4.27 -1.94 0.67
CA GLY A 175 3.13 -2.35 1.51
C GLY A 175 1.84 -1.69 1.06
N ASN A 176 1.90 -0.40 0.76
CA ASN A 176 0.70 0.34 0.32
C ASN A 176 0.19 -0.26 -0.98
N ILE A 177 1.10 -0.59 -1.90
CA ILE A 177 0.65 -1.13 -3.20
C ILE A 177 -0.01 -2.50 -2.99
N LYS A 178 0.58 -3.35 -2.19
CA LYS A 178 0.00 -4.69 -2.00
C LYS A 178 -1.34 -4.55 -1.29
N PHE A 179 -1.46 -3.62 -0.36
CA PHE A 179 -2.75 -3.42 0.35
C PHE A 179 -3.83 -2.93 -0.62
N ILE A 180 -3.49 -2.00 -1.50
CA ILE A 180 -4.48 -1.54 -2.51
C ILE A 180 -4.85 -2.72 -3.40
N GLY A 181 -3.88 -3.48 -3.86
CA GLY A 181 -4.17 -4.66 -4.68
C GLY A 181 -5.04 -5.67 -3.96
N GLU A 182 -4.85 -5.82 -2.65
CA GLU A 182 -5.66 -6.79 -1.90
C GLU A 182 -7.07 -6.25 -1.73
N LEU A 183 -7.22 -4.94 -1.58
CA LEU A 183 -8.57 -4.36 -1.45
C LEU A 183 -9.29 -4.51 -2.77
N PHE A 184 -8.56 -4.52 -3.87
CA PHE A 184 -9.21 -4.71 -5.19
C PHE A 184 -9.85 -6.08 -5.30
N LYS A 185 -9.18 -7.12 -4.80
CA LYS A 185 -9.74 -8.47 -4.93
C LYS A 185 -11.02 -8.60 -4.09
N LEU A 186 -11.20 -7.74 -3.09
CA LEU A 186 -12.45 -7.76 -2.29
C LEU A 186 -13.48 -6.77 -2.85
N LYS A 187 -13.21 -6.19 -4.01
CA LYS A 187 -14.19 -5.33 -4.72
C LYS A 187 -14.44 -3.98 -4.04
N MET A 188 -13.70 -3.66 -2.99
CA MET A 188 -13.84 -2.30 -2.40
C MET A 188 -13.26 -1.26 -3.35
N LEU A 189 -12.52 -1.69 -4.36
CA LEU A 189 -12.03 -0.79 -5.43
C LEU A 189 -12.65 -1.30 -6.74
N THR A 190 -12.21 -0.74 -7.86
CA THR A 190 -12.68 -1.22 -9.17
C THR A 190 -11.51 -1.31 -10.14
N GLU A 191 -11.74 -1.87 -11.31
CA GLU A 191 -10.65 -2.09 -12.29
C GLU A 191 -10.04 -0.77 -12.72
N ALA A 192 -10.80 0.32 -12.69
CA ALA A 192 -10.27 1.59 -13.21
C ALA A 192 -9.16 2.10 -12.29
N ILE A 193 -9.29 1.94 -10.99
CA ILE A 193 -8.23 2.50 -10.11
C ILE A 193 -6.96 1.68 -10.30
N MET A 194 -7.09 0.38 -10.50
CA MET A 194 -5.87 -0.42 -10.78
C MET A 194 -5.29 0.01 -12.14
N HIS A 195 -6.15 0.28 -13.11
CA HIS A 195 -5.61 0.62 -14.45
C HIS A 195 -4.97 2.01 -14.46
N ASP A 196 -5.36 2.88 -13.54
CA ASP A 196 -4.68 4.21 -13.50
C ASP A 196 -3.61 4.22 -12.42
N CYS A 197 -3.47 3.12 -11.68
CA CYS A 197 -2.34 3.00 -10.73
C CYS A 197 -1.18 2.30 -11.44
N VAL A 198 -1.48 1.27 -12.21
CA VAL A 198 -0.42 0.57 -12.98
C VAL A 198 0.23 1.55 -13.96
N VAL A 199 -0.58 2.32 -14.66
CA VAL A 199 -0.02 3.26 -15.66
C VAL A 199 0.75 4.36 -14.95
N LYS A 200 0.32 4.79 -13.77
CA LYS A 200 1.08 5.83 -13.07
C LYS A 200 2.44 5.28 -12.63
N LEU A 201 2.45 4.05 -12.14
CA LEU A 201 3.73 3.47 -11.68
C LEU A 201 4.62 3.31 -12.90
N LEU A 202 4.05 2.91 -14.02
CA LEU A 202 4.90 2.60 -15.19
C LEU A 202 5.43 3.89 -15.82
N LYS A 203 4.67 4.96 -15.78
CA LYS A 203 5.14 6.21 -16.44
C LYS A 203 6.34 6.76 -15.67
N ASN A 204 6.33 6.64 -14.35
CA ASN A 204 7.53 7.00 -13.57
C ASN A 204 8.48 5.81 -13.69
N HIS A 205 9.41 5.87 -14.63
CA HIS A 205 10.27 4.69 -14.91
C HIS A 205 11.39 4.57 -13.88
N ASP A 206 11.26 5.23 -12.75
CA ASP A 206 12.28 5.09 -11.68
C ASP A 206 12.19 3.71 -11.05
N GLU A 207 13.26 3.28 -10.40
CA GLU A 207 13.33 1.88 -9.87
C GLU A 207 12.19 1.60 -8.88
N GLU A 208 11.94 2.51 -7.96
CA GLU A 208 10.95 2.24 -6.89
C GLU A 208 9.58 1.96 -7.51
N SER A 209 9.21 2.76 -8.50
CA SER A 209 7.90 2.60 -9.15
C SER A 209 7.82 1.24 -9.85
N LEU A 210 8.91 0.81 -10.51
CA LEU A 210 8.82 -0.46 -11.26
C LEU A 210 8.76 -1.63 -10.29
N GLU A 211 9.42 -1.51 -9.15
CA GLU A 211 9.31 -2.58 -8.13
C GLU A 211 7.85 -2.68 -7.64
N CYS A 212 7.23 -1.53 -7.40
CA CYS A 212 5.83 -1.53 -6.95
C CYS A 212 4.92 -2.11 -8.04
N LEU A 213 5.21 -1.78 -9.30
CA LEU A 213 4.39 -2.31 -10.42
C LEU A 213 4.50 -3.83 -10.45
N CYS A 214 5.71 -4.36 -10.27
CA CYS A 214 5.88 -5.82 -10.23
C CYS A 214 5.02 -6.40 -9.09
N ARG A 215 5.07 -5.80 -7.91
CA ARG A 215 4.32 -6.36 -6.76
C ARG A 215 2.82 -6.32 -7.05
N LEU A 216 2.33 -5.20 -7.57
CA LEU A 216 0.88 -5.06 -7.82
C LEU A 216 0.39 -6.07 -8.86
N LEU A 217 1.09 -6.18 -10.00
CA LEU A 217 0.65 -7.14 -11.02
C LEU A 217 0.75 -8.57 -10.48
N THR A 218 1.79 -8.86 -9.71
CA THR A 218 1.91 -10.21 -9.15
C THR A 218 0.72 -10.52 -8.25
N THR A 219 0.19 -9.53 -7.54
CA THR A 219 -0.91 -9.84 -6.60
C THR A 219 -2.29 -9.67 -7.22
N ILE A 220 -2.41 -9.07 -8.41
CA ILE A 220 -3.78 -8.83 -8.96
C ILE A 220 -3.93 -9.39 -10.38
N GLY A 221 -2.93 -10.09 -10.91
CA GLY A 221 -3.00 -10.54 -12.31
C GLY A 221 -4.22 -11.37 -12.63
N LYS A 222 -4.53 -12.37 -11.81
CA LYS A 222 -5.66 -13.27 -12.16
C LYS A 222 -6.97 -12.50 -12.16
N ASP A 223 -7.16 -11.62 -11.18
CA ASP A 223 -8.45 -10.88 -11.07
C ASP A 223 -8.46 -9.65 -11.98
N LEU A 224 -7.39 -9.42 -12.74
CA LEU A 224 -7.42 -8.29 -13.70
C LEU A 224 -7.35 -8.77 -15.14
N ASP A 225 -6.84 -9.98 -15.38
CA ASP A 225 -6.65 -10.43 -16.78
C ASP A 225 -7.97 -10.94 -17.37
N PHE A 226 -8.88 -10.03 -17.65
CA PHE A 226 -10.16 -10.42 -18.29
C PHE A 226 -10.22 -9.85 -19.71
N GLU A 227 -11.26 -10.22 -20.44
CA GLU A 227 -11.38 -9.80 -21.84
C GLU A 227 -11.84 -8.34 -21.94
N LYS A 228 -12.45 -7.79 -20.90
CA LYS A 228 -12.83 -6.35 -20.96
C LYS A 228 -11.56 -5.49 -20.86
N ALA A 229 -10.50 -6.03 -20.26
CA ALA A 229 -9.22 -5.29 -20.12
C ALA A 229 -8.13 -5.92 -20.98
N LYS A 230 -8.51 -6.77 -21.92
CA LYS A 230 -7.48 -7.47 -22.74
C LYS A 230 -6.66 -6.49 -23.58
N PRO A 231 -7.23 -5.47 -24.27
CA PRO A 231 -6.38 -4.57 -25.05
C PRO A 231 -5.41 -3.77 -24.17
N ARG A 232 -5.92 -3.08 -23.16
CA ARG A 232 -5.05 -2.22 -22.32
C ARG A 232 -3.93 -3.06 -21.71
N MET A 233 -4.28 -4.17 -21.10
CA MET A 233 -3.26 -5.00 -20.44
C MET A 233 -2.21 -5.41 -21.49
N ASP A 234 -2.64 -5.70 -22.71
CA ASP A 234 -1.71 -6.19 -23.75
C ASP A 234 -0.61 -5.16 -24.01
N GLN A 235 -0.81 -3.91 -23.60
CA GLN A 235 0.29 -2.93 -23.78
C GLN A 235 1.18 -2.91 -22.54
N TYR A 236 0.58 -2.98 -21.35
CA TYR A 236 1.38 -2.86 -20.10
C TYR A 236 2.62 -3.75 -20.21
N PHE A 237 2.39 -5.06 -20.30
CA PHE A 237 3.51 -6.00 -20.36
C PHE A 237 4.41 -5.68 -21.56
N ASN A 238 3.81 -5.42 -22.71
CA ASN A 238 4.62 -5.08 -23.90
C ASN A 238 5.58 -3.94 -23.55
N GLN A 239 5.06 -2.94 -22.87
CA GLN A 239 5.93 -1.80 -22.51
C GLN A 239 7.12 -2.30 -21.69
N MET A 240 6.86 -3.06 -20.63
CA MET A 240 8.01 -3.47 -19.79
C MET A 240 8.86 -4.48 -20.54
N GLU A 241 8.29 -5.12 -21.57
CA GLU A 241 9.13 -6.03 -22.38
C GLU A 241 10.28 -5.20 -22.97
N LYS A 242 9.98 -4.01 -23.47
CA LYS A 242 11.07 -3.15 -23.97
C LYS A 242 12.05 -2.89 -22.83
N ILE A 243 11.51 -2.63 -21.64
CA ILE A 243 12.41 -2.44 -20.46
C ILE A 243 13.28 -3.69 -20.34
N ILE A 244 12.65 -4.85 -20.42
CA ILE A 244 13.40 -6.12 -20.28
C ILE A 244 14.48 -6.16 -21.35
N LYS A 245 14.17 -5.68 -22.54
CA LYS A 245 15.14 -5.77 -23.65
C LYS A 245 16.15 -4.64 -23.57
N GLU A 246 15.83 -3.55 -22.89
CA GLU A 246 16.76 -2.39 -22.90
C GLU A 246 17.92 -2.63 -21.94
N LYS A 247 17.66 -3.29 -20.82
CA LYS A 247 18.70 -3.53 -19.78
C LYS A 247 19.31 -2.22 -19.30
N LYS A 248 18.60 -1.10 -19.47
CA LYS A 248 19.10 0.19 -18.97
C LYS A 248 18.96 0.28 -17.45
N THR A 249 17.92 -0.33 -16.90
CA THR A 249 17.71 -0.27 -15.43
C THR A 249 18.60 -1.30 -14.73
N SER A 250 18.56 -1.28 -13.40
CA SER A 250 19.34 -2.29 -12.64
C SER A 250 18.85 -3.69 -12.98
N SER A 251 19.74 -4.67 -12.86
CA SER A 251 19.38 -6.06 -13.18
C SER A 251 18.19 -6.51 -12.34
N ARG A 252 18.24 -6.29 -11.02
CA ARG A 252 17.19 -6.83 -10.13
C ARG A 252 15.79 -6.44 -10.63
N ILE A 253 15.68 -5.21 -11.14
CA ILE A 253 14.37 -4.77 -11.67
C ILE A 253 14.00 -5.65 -12.87
N ARG A 254 14.95 -5.87 -13.77
CA ARG A 254 14.66 -6.73 -14.94
C ARG A 254 14.29 -8.12 -14.47
N PHE A 255 14.89 -8.54 -13.36
CA PHE A 255 14.70 -9.95 -12.93
C PHE A 255 13.28 -10.13 -12.43
N MET A 256 12.82 -9.13 -11.68
CA MET A 256 11.44 -9.19 -11.14
C MET A 256 10.44 -9.00 -12.29
N LEU A 257 10.78 -8.14 -13.25
CA LEU A 257 9.87 -7.97 -14.40
C LEU A 257 9.76 -9.27 -15.20
N GLN A 258 10.87 -9.99 -15.33
CA GLN A 258 10.83 -11.28 -16.03
C GLN A 258 9.95 -12.25 -15.24
N ASP A 259 10.04 -12.20 -13.93
CA ASP A 259 9.19 -13.10 -13.11
C ASP A 259 7.72 -12.76 -13.36
N VAL A 260 7.39 -11.48 -13.42
CA VAL A 260 5.98 -11.08 -13.58
C VAL A 260 5.50 -11.53 -14.96
N LEU A 261 6.33 -11.32 -15.98
CA LEU A 261 5.90 -11.67 -17.35
C LEU A 261 5.73 -13.20 -17.46
N ASP A 262 6.63 -13.94 -16.84
CA ASP A 262 6.52 -15.42 -16.87
C ASP A 262 5.27 -15.88 -16.11
N LEU A 263 4.97 -15.23 -14.99
CA LEU A 263 3.74 -15.60 -14.24
C LEU A 263 2.52 -15.28 -15.10
N ARG A 264 2.57 -14.19 -15.86
CA ARG A 264 1.44 -13.90 -16.78
C ARG A 264 1.34 -15.00 -17.84
N GLY A 265 2.47 -15.45 -18.37
CA GLY A 265 2.45 -16.49 -19.41
C GLY A 265 1.83 -17.78 -18.94
N SER A 266 1.83 -18.01 -17.63
CA SER A 266 1.30 -19.29 -17.07
C SER A 266 -0.08 -19.08 -16.44
N ASN A 267 -0.88 -18.17 -16.97
CA ASN A 267 -2.26 -17.97 -16.48
C ASN A 267 -2.26 -17.63 -14.99
N TRP A 268 -1.31 -16.82 -14.56
CA TRP A 268 -1.31 -16.26 -13.18
C TRP A 268 -1.30 -17.33 -12.08
N VAL A 269 -0.67 -18.47 -12.33
CA VAL A 269 -0.58 -19.47 -11.23
C VAL A 269 0.83 -20.04 -11.15
MG MG C . -25.18 12.68 -3.49
MG MG D . -31.98 14.24 -2.65
MG MG E . -11.35 15.00 -18.73
#